data_3ZYR
#
_entry.id   3ZYR
#
_cell.length_a   51.400
_cell.length_b   76.980
_cell.length_c   125.590
_cell.angle_alpha   90.00
_cell.angle_beta   90.00
_cell.angle_gamma   90.00
#
_symmetry.space_group_name_H-M   'P 21 21 21'
#
loop_
_entity.id
_entity.type
_entity.pdbx_description
1 polymer LECTIN
2 branched 2-acetamido-2-deoxy-beta-D-glucopyranose-(1-2)-alpha-D-mannopyranose-(1-3)-[2-acetamido-2-deoxy-beta-D-glucopyranose-(1-2)-alpha-D-mannopyranose-(1-6)]beta-D-mannopyranose-(1-4)-2-acetamido-2-deoxy-beta-D-glucopyranose-(1-4)-2-acetamido-2-deoxy-beta-D-glucopyranose
3 non-polymer ASPARAGINE
4 non-polymer 'MANGANESE (II) ION'
5 non-polymer 'CALCIUM ION'
6 non-polymer GLYCEROL
7 non-polymer UREA
8 water water
#
_entity_poly.entity_id   1
_entity_poly.type   'polypeptide(L)'
_entity_poly.pdbx_seq_one_letter_code
;MLLNRANSTDSLSFSFINFDRDERNLIFQGDAHTSRNNILQLTRTDSNGAPVRSTVGRILHSAQVRLWEKSTNRVANLQT
QFSFFLSSPLSNPADGIAFFIAPPDTTIPSGSAGGLLGLFNPRTALNESANQVLAVEFDTFFAQNSNTWDPNYQHIGIDV
NSIRSSKVVRWERREGKTLNVLVTYNPSTRTIDVVATYPDGQRYQLSHVVDLTTILPEWVRVGFSAASGEQFQTHNLESW
SFTSTLLYTAQKEDEYLARDM
;
_entity_poly.pdbx_strand_id   A,B
#
loop_
_chem_comp.id
_chem_comp.type
_chem_comp.name
_chem_comp.formula
BMA D-saccharide, beta linking beta-D-mannopyranose 'C6 H12 O6'
CA non-polymer 'CALCIUM ION' 'Ca 2'
GOL non-polymer GLYCEROL 'C3 H8 O3'
MAN D-saccharide, alpha linking alpha-D-mannopyranose 'C6 H12 O6'
MN non-polymer 'MANGANESE (II) ION' 'Mn 2'
NAG D-saccharide, beta linking 2-acetamido-2-deoxy-beta-D-glucopyranose 'C8 H15 N O6'
URE non-polymer UREA 'C H4 N2 O'
#
# COMPACT_ATOMS: atom_id res chain seq x y z
N SER A 8 -2.20 -1.03 18.16
CA SER A 8 -1.66 -0.99 16.79
C SER A 8 -1.83 0.44 16.29
N THR A 9 -1.70 0.63 14.99
CA THR A 9 -1.57 1.97 14.43
C THR A 9 -2.27 2.07 13.12
N ASP A 10 -2.37 3.30 12.64
CA ASP A 10 -2.75 3.53 11.26
C ASP A 10 -1.43 3.73 10.55
N SER A 11 -1.06 2.77 9.71
CA SER A 11 0.27 2.82 9.03
C SER A 11 0.22 2.17 7.64
N LEU A 12 1.25 2.47 6.85
CA LEU A 12 1.40 1.93 5.51
C LEU A 12 2.89 1.82 5.30
N SER A 13 3.35 0.66 4.81
N SER A 13 3.32 0.69 4.74
CA SER A 13 4.75 0.42 4.47
CA SER A 13 4.73 0.46 4.43
C SER A 13 4.88 -0.41 3.17
C SER A 13 4.89 -0.41 3.18
N PHE A 14 5.99 -0.20 2.45
CA PHE A 14 6.31 -1.04 1.31
C PHE A 14 7.83 -1.02 1.09
N SER A 15 8.34 -2.05 0.43
N SER A 15 8.32 -2.05 0.41
CA SER A 15 9.74 -2.08 0.08
CA SER A 15 9.75 -2.18 0.13
C SER A 15 9.96 -2.82 -1.22
C SER A 15 9.92 -2.81 -1.26
N PHE A 16 10.86 -2.25 -2.02
CA PHE A 16 11.27 -2.81 -3.30
C PHE A 16 12.78 -3.02 -3.17
N ILE A 17 13.25 -4.26 -3.27
CA ILE A 17 14.73 -4.46 -3.24
C ILE A 17 15.32 -4.35 -4.62
N ASN A 18 14.45 -4.50 -5.61
CA ASN A 18 14.68 -4.23 -7.00
C ASN A 18 13.29 -4.11 -7.66
N PHE A 19 13.23 -3.83 -8.97
CA PHE A 19 11.95 -3.56 -9.64
C PHE A 19 11.70 -4.56 -10.74
N ASP A 20 10.53 -5.18 -10.71
CA ASP A 20 10.15 -6.12 -11.75
C ASP A 20 9.52 -5.40 -12.96
N ARG A 21 9.58 -6.04 -14.13
CA ARG A 21 8.90 -5.55 -15.33
C ARG A 21 7.41 -5.27 -15.09
N ASP A 22 6.82 -6.11 -14.24
CA ASP A 22 5.47 -5.97 -13.81
C ASP A 22 5.46 -5.46 -12.34
N GLU A 23 5.07 -4.19 -12.12
N GLU A 23 5.04 -4.20 -12.16
CA GLU A 23 4.89 -3.65 -10.75
CA GLU A 23 4.83 -3.65 -10.85
C GLU A 23 3.54 -2.89 -10.65
C GLU A 23 3.49 -2.91 -10.76
N ARG A 24 2.49 -3.62 -10.25
CA ARG A 24 1.13 -3.11 -10.26
C ARG A 24 0.84 -1.94 -9.32
N ASN A 25 1.68 -1.73 -8.30
CA ASN A 25 1.39 -0.67 -7.33
C ASN A 25 2.21 0.58 -7.56
N LEU A 26 2.80 0.69 -8.75
CA LEU A 26 3.47 1.93 -9.15
C LEU A 26 2.77 2.59 -10.32
N ILE A 27 2.67 3.89 -10.24
CA ILE A 27 2.17 4.75 -11.29
C ILE A 27 3.37 5.30 -12.04
N PHE A 28 3.50 4.91 -13.29
CA PHE A 28 4.56 5.40 -14.16
C PHE A 28 4.12 6.63 -14.94
N GLN A 29 4.93 7.69 -14.89
CA GLN A 29 4.66 8.94 -15.59
C GLN A 29 5.78 9.29 -16.52
N GLY A 30 5.41 9.78 -17.70
CA GLY A 30 6.41 10.18 -18.67
C GLY A 30 7.28 9.05 -19.13
N ASP A 31 8.59 9.30 -19.14
CA ASP A 31 9.55 8.37 -19.70
C ASP A 31 10.01 7.21 -18.77
N ALA A 32 9.50 7.19 -17.55
CA ALA A 32 9.82 6.15 -16.56
C ALA A 32 9.49 4.74 -17.06
N HIS A 33 10.43 3.80 -16.86
CA HIS A 33 10.30 2.44 -17.36
C HIS A 33 11.21 1.53 -16.52
N THR A 34 11.05 0.23 -16.70
CA THR A 34 11.96 -0.71 -16.05
C THR A 34 12.95 -1.31 -17.05
N SER A 35 14.17 -1.57 -16.57
CA SER A 35 15.25 -2.26 -17.32
C SER A 35 15.13 -3.77 -17.19
N ARG A 36 15.79 -4.49 -18.09
CA ARG A 36 15.78 -5.95 -18.02
C ARG A 36 16.46 -6.47 -16.74
N ASN A 37 17.33 -5.63 -16.15
CA ASN A 37 18.05 -5.93 -14.89
C ASN A 37 17.30 -5.45 -13.62
N ASN A 38 16.02 -5.18 -13.79
CA ASN A 38 15.12 -4.82 -12.69
C ASN A 38 15.50 -3.50 -11.97
N ILE A 39 16.08 -2.59 -12.74
CA ILE A 39 16.35 -1.24 -12.31
C ILE A 39 15.27 -0.34 -12.86
N LEU A 40 14.82 0.62 -12.07
CA LEU A 40 13.81 1.53 -12.57
C LEU A 40 14.53 2.70 -13.22
N GLN A 41 14.33 2.91 -14.51
CA GLN A 41 14.97 3.99 -15.24
C GLN A 41 13.99 5.13 -15.40
N LEU A 42 14.30 6.29 -14.82
CA LEU A 42 13.35 7.38 -14.77
C LEU A 42 13.34 8.13 -16.09
N THR A 43 14.51 8.31 -16.70
CA THR A 43 14.61 9.12 -17.94
C THR A 43 14.81 8.24 -19.18
N ARG A 44 14.45 8.83 -20.32
CA ARG A 44 14.47 8.18 -21.64
C ARG A 44 15.87 7.79 -22.09
N THR A 45 15.96 6.64 -22.77
CA THR A 45 17.20 6.25 -23.40
C THR A 45 16.99 5.99 -24.88
N ASP A 46 18.09 5.81 -25.59
CA ASP A 46 17.95 5.45 -27.01
C ASP A 46 17.86 3.92 -27.08
N SER A 47 17.85 3.34 -28.29
CA SER A 47 17.69 1.90 -28.39
C SER A 47 18.84 1.07 -27.83
N ASN A 48 19.99 1.71 -27.60
N ASN A 48 19.99 1.70 -27.61
CA ASN A 48 21.12 1.03 -26.97
CA ASN A 48 21.12 1.03 -26.95
C ASN A 48 21.28 1.38 -25.48
C ASN A 48 21.27 1.36 -25.46
N GLY A 49 20.26 1.99 -24.87
CA GLY A 49 20.28 2.31 -23.45
C GLY A 49 21.05 3.58 -23.07
N ALA A 50 21.50 4.35 -24.07
CA ALA A 50 22.22 5.60 -23.79
C ALA A 50 21.22 6.70 -23.48
N PRO A 51 21.56 7.57 -22.52
CA PRO A 51 20.66 8.66 -22.20
C PRO A 51 20.52 9.65 -23.33
N VAL A 52 19.38 10.32 -23.34
CA VAL A 52 19.07 11.33 -24.34
C VAL A 52 18.55 12.65 -23.76
N ARG A 53 18.60 13.70 -24.58
CA ARG A 53 18.14 15.02 -24.15
C ARG A 53 16.62 15.10 -23.89
N SER A 54 16.23 16.11 -23.08
CA SER A 54 14.86 16.60 -22.96
C SER A 54 13.84 15.51 -22.60
N THR A 55 13.92 15.04 -21.36
CA THR A 55 13.15 13.92 -20.91
C THR A 55 12.80 14.11 -19.43
N VAL A 56 11.56 13.75 -19.08
CA VAL A 56 11.12 13.65 -17.67
C VAL A 56 10.48 12.30 -17.48
N GLY A 57 10.78 11.64 -16.36
CA GLY A 57 10.01 10.47 -15.90
C GLY A 57 9.84 10.52 -14.41
N ARG A 58 8.71 9.99 -13.92
CA ARG A 58 8.42 9.95 -12.48
C ARG A 58 7.71 8.63 -12.18
N ILE A 59 7.81 8.20 -10.91
CA ILE A 59 6.96 7.13 -10.37
C ILE A 59 6.31 7.64 -9.08
N LEU A 60 5.10 7.17 -8.82
N LEU A 60 5.09 7.19 -8.83
CA LEU A 60 4.42 7.37 -7.53
CA LEU A 60 4.40 7.41 -7.55
C LEU A 60 3.94 6.02 -7.06
C LEU A 60 3.95 6.03 -7.06
N HIS A 61 3.94 5.80 -5.75
CA HIS A 61 3.25 4.59 -5.27
C HIS A 61 1.75 4.80 -5.43
N SER A 62 1.04 3.72 -5.76
CA SER A 62 -0.43 3.79 -5.89
C SER A 62 -1.13 4.05 -4.59
N ALA A 63 -0.58 3.58 -3.49
CA ALA A 63 -1.22 3.78 -2.20
C ALA A 63 -1.08 5.23 -1.76
N GLN A 64 -2.18 5.87 -1.39
CA GLN A 64 -2.14 7.25 -0.90
C GLN A 64 -1.72 7.25 0.57
N VAL A 65 -0.94 8.26 0.97
CA VAL A 65 -0.46 8.40 2.34
C VAL A 65 -1.28 9.49 3.04
N ARG A 66 -1.84 9.17 4.21
CA ARG A 66 -2.50 10.21 5.02
C ARG A 66 -1.44 10.95 5.80
N LEU A 67 -1.10 12.13 5.32
CA LEU A 67 -0.05 12.94 5.90
C LEU A 67 -0.56 13.60 7.19
N TRP A 68 -1.80 14.04 7.15
CA TRP A 68 -2.45 14.60 8.33
C TRP A 68 -3.98 14.55 8.25
N GLU A 69 -4.64 14.72 9.40
CA GLU A 69 -6.10 14.74 9.47
C GLU A 69 -6.57 16.09 10.05
N LYS A 70 -7.37 16.84 9.28
CA LYS A 70 -7.79 18.19 9.65
C LYS A 70 -8.69 18.21 10.89
N SER A 71 -9.49 17.17 11.06
CA SER A 71 -10.50 17.12 12.11
C SER A 71 -9.87 16.87 13.49
N THR A 72 -8.74 16.18 13.50
CA THR A 72 -8.09 15.74 14.75
C THR A 72 -6.72 16.35 14.99
N ASN A 73 -6.17 16.97 13.96
CA ASN A 73 -4.76 17.35 13.97
C ASN A 73 -3.73 16.22 14.16
N ARG A 74 -4.08 14.97 13.81
CA ARG A 74 -3.05 13.92 13.78
C ARG A 74 -2.13 14.21 12.61
N VAL A 75 -0.83 13.92 12.77
N VAL A 75 -0.86 13.85 12.75
CA VAL A 75 0.14 14.07 11.70
CA VAL A 75 0.15 14.07 11.72
C VAL A 75 1.02 12.83 11.60
C VAL A 75 1.04 12.84 11.60
N ALA A 76 1.44 12.50 10.37
CA ALA A 76 2.22 11.30 10.10
C ALA A 76 3.68 11.54 10.29
N ASN A 77 4.38 10.53 10.73
CA ASN A 77 5.82 10.56 10.52
C ASN A 77 6.07 9.87 9.17
N LEU A 78 7.26 10.05 8.60
CA LEU A 78 7.59 9.43 7.34
C LEU A 78 9.05 9.00 7.44
N GLN A 79 9.34 7.86 6.86
CA GLN A 79 10.73 7.44 6.68
C GLN A 79 10.82 6.73 5.37
N THR A 80 11.87 7.04 4.58
CA THR A 80 12.07 6.35 3.30
C THR A 80 13.55 6.16 3.09
N GLN A 81 13.90 5.03 2.52
CA GLN A 81 15.27 4.73 2.16
C GLN A 81 15.29 4.33 0.71
N PHE A 82 16.32 4.78 -0.01
CA PHE A 82 16.41 4.41 -1.43
C PHE A 82 17.86 4.44 -1.90
N SER A 83 18.11 3.86 -3.06
N SER A 83 18.11 3.83 -3.05
CA SER A 83 19.45 3.90 -3.61
CA SER A 83 19.45 3.81 -3.62
C SER A 83 19.34 4.11 -5.10
C SER A 83 19.34 4.09 -5.10
N PHE A 84 20.28 4.87 -5.64
CA PHE A 84 20.30 5.16 -7.09
C PHE A 84 21.73 5.34 -7.57
N PHE A 85 21.88 5.26 -8.88
CA PHE A 85 23.14 5.66 -9.54
C PHE A 85 22.79 6.39 -10.84
N LEU A 86 23.74 7.18 -11.30
CA LEU A 86 23.62 7.98 -12.51
C LEU A 86 24.76 7.60 -13.47
N SER A 87 24.48 7.58 -14.76
N SER A 87 24.47 7.55 -14.77
CA SER A 87 25.53 7.35 -15.75
CA SER A 87 25.48 7.24 -15.80
C SER A 87 25.37 8.22 -16.96
C SER A 87 25.35 8.20 -16.98
N SER A 88 26.47 8.60 -17.56
CA SER A 88 26.44 9.52 -18.69
C SER A 88 27.79 9.57 -19.41
N PRO A 89 27.74 9.74 -20.75
CA PRO A 89 28.99 9.98 -21.48
C PRO A 89 29.57 11.39 -21.32
N LEU A 90 28.77 12.31 -20.78
CA LEU A 90 29.07 13.75 -20.80
C LEU A 90 30.00 14.19 -19.65
N SER A 91 30.84 15.19 -19.93
CA SER A 91 31.57 15.87 -18.87
C SER A 91 30.68 16.61 -17.86
N ASN A 92 29.54 17.12 -18.32
CA ASN A 92 28.61 17.86 -17.49
C ASN A 92 27.22 17.21 -17.55
N PRO A 93 27.08 16.04 -16.91
CA PRO A 93 25.80 15.33 -16.99
C PRO A 93 24.67 16.02 -16.21
N ALA A 94 23.41 15.82 -16.63
CA ALA A 94 22.28 16.56 -16.08
C ALA A 94 20.99 15.76 -16.19
N ASP A 95 19.97 16.05 -15.39
CA ASP A 95 19.91 17.18 -14.45
C ASP A 95 19.82 16.79 -12.99
N GLY A 96 19.28 15.61 -12.71
CA GLY A 96 19.12 15.17 -11.33
C GLY A 96 17.90 14.32 -11.06
N ILE A 97 17.89 13.74 -9.86
CA ILE A 97 16.84 12.88 -9.37
C ILE A 97 16.35 13.42 -8.03
N ALA A 98 15.05 13.28 -7.75
CA ALA A 98 14.49 13.74 -6.44
C ALA A 98 13.45 12.78 -5.94
N PHE A 99 13.48 12.55 -4.63
CA PHE A 99 12.34 12.03 -3.90
C PHE A 99 11.36 13.17 -3.71
N PHE A 100 10.05 12.87 -3.86
CA PHE A 100 9.07 13.91 -3.64
C PHE A 100 7.74 13.43 -3.10
N ILE A 101 7.02 14.38 -2.51
CA ILE A 101 5.72 14.21 -1.87
C ILE A 101 4.82 15.29 -2.47
N ALA A 102 3.65 14.90 -2.94
CA ALA A 102 2.77 15.83 -3.68
C ALA A 102 1.31 15.37 -3.59
N PRO A 103 0.38 16.23 -4.05
CA PRO A 103 -1.01 15.71 -4.02
C PRO A 103 -1.20 14.46 -4.88
N PRO A 104 -2.23 13.64 -4.57
CA PRO A 104 -2.37 12.34 -5.25
C PRO A 104 -2.55 12.41 -6.77
N ASP A 105 -3.11 13.49 -7.27
CA ASP A 105 -3.33 13.68 -8.68
C ASP A 105 -2.20 14.38 -9.38
N THR A 106 -1.02 14.48 -8.72
CA THR A 106 0.13 15.10 -9.34
C THR A 106 0.50 14.48 -10.68
N THR A 107 0.83 15.35 -11.65
CA THR A 107 1.30 14.95 -12.97
C THR A 107 2.50 15.81 -13.38
N ILE A 108 3.22 15.37 -14.40
CA ILE A 108 4.41 16.06 -14.87
C ILE A 108 3.99 17.43 -15.43
N PRO A 109 4.48 18.54 -14.86
CA PRO A 109 4.09 19.85 -15.43
C PRO A 109 4.68 20.06 -16.81
N SER A 110 3.99 20.84 -17.66
N SER A 110 3.98 20.84 -17.64
CA SER A 110 4.57 21.20 -18.94
CA SER A 110 4.50 21.23 -18.94
C SER A 110 5.80 22.01 -18.70
C SER A 110 5.77 22.05 -18.74
N GLY A 111 6.79 21.81 -19.56
CA GLY A 111 8.03 22.56 -19.45
C GLY A 111 8.95 22.17 -18.31
N SER A 112 8.66 21.04 -17.67
CA SER A 112 9.42 20.64 -16.49
C SER A 112 10.73 19.86 -16.71
N ALA A 113 11.19 19.72 -17.95
CA ALA A 113 12.47 19.04 -18.24
C ALA A 113 13.64 19.90 -17.78
N GLY A 114 14.84 19.43 -18.01
CA GLY A 114 16.02 20.14 -17.58
C GLY A 114 16.07 20.39 -16.09
N GLY A 115 16.51 21.58 -15.71
CA GLY A 115 16.74 21.90 -14.31
C GLY A 115 15.51 22.00 -13.43
N LEU A 116 14.30 21.85 -13.98
CA LEU A 116 13.11 21.81 -13.14
C LEU A 116 12.77 20.38 -12.64
N LEU A 117 13.58 19.39 -13.05
CA LEU A 117 13.58 18.02 -12.51
C LEU A 117 12.24 17.29 -12.56
N GLY A 118 11.39 17.68 -13.49
CA GLY A 118 10.07 17.06 -13.61
C GLY A 118 9.03 17.50 -12.61
N LEU A 119 9.35 18.51 -11.80
CA LEU A 119 8.57 18.88 -10.63
C LEU A 119 7.81 20.17 -10.77
N PHE A 120 8.28 21.06 -11.63
CA PHE A 120 7.73 22.43 -11.71
C PHE A 120 7.57 22.87 -13.14
N ASN A 121 6.60 23.78 -13.31
CA ASN A 121 6.42 24.53 -14.55
C ASN A 121 7.31 25.81 -14.54
N PRO A 122 7.87 26.20 -15.70
CA PRO A 122 8.79 27.35 -15.73
C PRO A 122 8.22 28.65 -15.13
N ARG A 123 6.93 28.90 -15.30
CA ARG A 123 6.39 30.21 -14.91
C ARG A 123 6.08 30.28 -13.43
N THR A 124 5.97 29.11 -12.77
CA THR A 124 5.61 29.03 -11.36
C THR A 124 6.65 28.32 -10.49
N ALA A 125 7.80 27.96 -11.08
CA ALA A 125 8.82 27.19 -10.33
C ALA A 125 9.40 27.87 -9.11
N LEU A 126 9.31 29.20 -9.05
CA LEU A 126 9.74 29.93 -7.86
C LEU A 126 8.58 30.52 -7.04
N ASN A 127 7.36 30.28 -7.48
CA ASN A 127 6.18 30.82 -6.81
C ASN A 127 5.61 29.80 -5.83
N GLU A 128 5.91 29.97 -4.55
CA GLU A 128 5.55 28.97 -3.54
C GLU A 128 4.06 28.76 -3.47
N SER A 129 3.31 29.85 -3.67
CA SER A 129 1.84 29.77 -3.59
C SER A 129 1.19 28.93 -4.70
N ALA A 130 1.92 28.66 -5.78
CA ALA A 130 1.42 27.93 -6.91
C ALA A 130 1.70 26.43 -6.89
N ASN A 131 2.46 25.96 -5.90
CA ASN A 131 2.94 24.59 -5.87
C ASN A 131 2.59 23.92 -4.54
N GLN A 132 2.53 22.59 -4.55
CA GLN A 132 2.34 21.78 -3.34
C GLN A 132 3.31 20.64 -3.44
N VAL A 133 4.54 20.84 -3.01
CA VAL A 133 5.50 19.77 -3.16
C VAL A 133 6.61 19.88 -2.10
N LEU A 134 7.00 18.74 -1.53
CA LEU A 134 8.25 18.64 -0.79
C LEU A 134 9.15 17.73 -1.61
N ALA A 135 10.35 18.18 -1.94
CA ALA A 135 11.29 17.29 -2.63
C ALA A 135 12.67 17.30 -2.01
N VAL A 136 13.37 16.18 -2.11
CA VAL A 136 14.80 16.07 -1.73
C VAL A 136 15.54 15.76 -3.01
N GLU A 137 16.26 16.73 -3.51
CA GLU A 137 16.92 16.64 -4.81
C GLU A 137 18.40 16.31 -4.74
N PHE A 138 18.87 15.64 -5.80
CA PHE A 138 20.26 15.26 -5.99
C PHE A 138 20.60 15.87 -7.35
N ASP A 139 21.19 17.06 -7.27
CA ASP A 139 21.24 18.01 -8.40
C ASP A 139 22.67 18.04 -8.97
N THR A 140 22.83 17.61 -10.24
CA THR A 140 24.16 17.46 -10.84
C THR A 140 24.59 18.58 -11.76
N PHE A 141 23.68 19.53 -12.02
CA PHE A 141 23.90 20.55 -13.05
C PHE A 141 23.46 21.88 -12.51
N PHE A 142 24.45 22.78 -12.43
CA PHE A 142 24.31 24.01 -11.68
C PHE A 142 24.71 25.28 -12.42
N ALA A 143 24.87 25.18 -13.73
CA ALA A 143 25.29 26.32 -14.52
C ALA A 143 24.46 27.54 -14.15
N GLN A 144 25.13 28.61 -13.73
CA GLN A 144 24.44 29.74 -13.15
C GLN A 144 23.65 30.54 -14.17
N ASN A 145 24.02 30.40 -15.43
CA ASN A 145 23.34 31.12 -16.49
C ASN A 145 22.02 30.46 -16.94
N SER A 146 21.79 29.20 -16.60
CA SER A 146 20.48 28.55 -16.84
C SER A 146 19.75 28.13 -15.58
N ASN A 147 20.50 27.56 -14.62
CA ASN A 147 19.94 27.11 -13.38
C ASN A 147 20.14 28.26 -12.36
N THR A 148 19.45 29.38 -12.60
CA THR A 148 19.76 30.65 -11.91
C THR A 148 19.37 30.64 -10.44
N TRP A 149 18.70 29.57 -10.03
CA TRP A 149 18.18 29.35 -8.66
C TRP A 149 19.13 28.46 -7.84
N ASP A 150 20.21 27.96 -8.45
CA ASP A 150 21.07 26.91 -7.84
C ASP A 150 22.33 27.53 -7.16
N PRO A 151 22.85 26.86 -6.16
CA PRO A 151 24.25 27.16 -5.76
C PRO A 151 25.22 26.74 -6.85
N ASN A 152 26.44 27.28 -6.83
CA ASN A 152 27.39 27.07 -7.91
C ASN A 152 28.26 25.80 -7.75
N TYR A 153 27.60 24.68 -7.50
CA TYR A 153 28.22 23.40 -7.36
C TYR A 153 27.13 22.33 -7.31
N GLN A 154 27.52 21.06 -7.51
CA GLN A 154 26.57 19.95 -7.35
C GLN A 154 26.16 19.90 -5.88
N HIS A 155 24.95 19.48 -5.61
CA HIS A 155 24.37 19.65 -4.30
C HIS A 155 23.18 18.73 -4.06
N ILE A 156 22.92 18.49 -2.77
CA ILE A 156 21.67 17.90 -2.29
C ILE A 156 20.87 19.10 -1.76
N GLY A 157 19.58 19.13 -2.06
CA GLY A 157 18.73 20.21 -1.56
C GLY A 157 17.38 19.72 -1.05
N ILE A 158 16.79 20.49 -0.14
CA ILE A 158 15.40 20.28 0.32
C ILE A 158 14.61 21.42 -0.30
N ASP A 159 13.61 21.03 -1.10
CA ASP A 159 12.78 21.94 -1.90
C ASP A 159 11.37 22.01 -1.29
N VAL A 160 10.91 23.23 -1.02
CA VAL A 160 9.57 23.45 -0.40
C VAL A 160 8.79 24.38 -1.36
N ASN A 161 7.92 23.78 -2.17
CA ASN A 161 7.15 24.51 -3.16
C ASN A 161 7.93 25.35 -4.15
N SER A 162 9.22 25.04 -4.33
CA SER A 162 10.06 25.82 -5.23
C SER A 162 11.27 24.98 -5.69
N ILE A 163 11.77 25.29 -6.87
CA ILE A 163 13.00 24.66 -7.37
C ILE A 163 14.22 25.28 -6.72
N ARG A 164 14.03 26.43 -6.09
CA ARG A 164 15.10 27.04 -5.29
CA ARG A 164 15.10 27.04 -5.29
C ARG A 164 15.08 26.36 -3.92
N SER A 165 16.13 25.60 -3.60
CA SER A 165 16.11 24.83 -2.33
C SER A 165 16.13 25.77 -1.13
N SER A 166 15.42 25.38 -0.07
CA SER A 166 15.43 26.08 1.20
C SER A 166 16.73 25.86 1.92
N LYS A 167 17.32 24.67 1.76
CA LYS A 167 18.67 24.35 2.28
C LYS A 167 19.41 23.49 1.27
N VAL A 168 20.72 23.68 1.21
CA VAL A 168 21.58 22.86 0.34
C VAL A 168 22.87 22.47 1.09
N VAL A 169 23.44 21.37 0.65
CA VAL A 169 24.79 20.94 1.04
C VAL A 169 25.53 20.55 -0.20
N ARG A 170 26.82 20.92 -0.32
CA ARG A 170 27.61 20.47 -1.44
C ARG A 170 27.69 18.94 -1.52
N TRP A 171 27.63 18.44 -2.76
CA TRP A 171 27.61 17.00 -3.05
C TRP A 171 28.49 16.72 -4.29
N GLU A 172 28.96 15.49 -4.38
CA GLU A 172 29.76 15.05 -5.53
C GLU A 172 29.04 13.93 -6.25
N ARG A 173 28.72 14.18 -7.52
CA ARG A 173 28.27 13.10 -8.42
C ARG A 173 29.42 12.15 -8.67
N ARG A 174 29.13 10.84 -8.65
CA ARG A 174 30.08 9.78 -8.93
C ARG A 174 29.51 8.85 -9.98
N GLU A 175 30.11 8.89 -11.18
CA GLU A 175 29.67 8.06 -12.29
C GLU A 175 29.49 6.57 -11.94
N GLY A 176 28.27 6.05 -12.14
CA GLY A 176 28.01 4.63 -11.98
C GLY A 176 28.06 4.12 -10.55
N LYS A 177 28.11 5.04 -9.57
CA LYS A 177 28.18 4.63 -8.18
C LYS A 177 26.88 4.85 -7.42
N THR A 178 26.55 3.91 -6.54
CA THR A 178 25.30 3.94 -5.83
C THR A 178 25.38 4.86 -4.61
N LEU A 179 24.41 5.77 -4.51
CA LEU A 179 24.23 6.60 -3.31
C LEU A 179 23.06 5.99 -2.59
N ASN A 180 23.29 5.66 -1.31
CA ASN A 180 22.24 5.23 -0.41
C ASN A 180 21.75 6.37 0.46
N VAL A 181 20.44 6.51 0.54
CA VAL A 181 19.80 7.68 1.15
C VAL A 181 18.70 7.30 2.11
N LEU A 182 18.68 8.01 3.24
CA LEU A 182 17.55 7.99 4.19
C LEU A 182 16.95 9.38 4.30
N VAL A 183 15.62 9.48 4.12
CA VAL A 183 14.89 10.73 4.31
C VAL A 183 13.81 10.48 5.37
N THR A 184 13.75 11.37 6.38
CA THR A 184 12.74 11.25 7.40
C THR A 184 12.02 12.57 7.61
N TYR A 185 10.75 12.47 7.99
CA TYR A 185 10.00 13.59 8.53
C TYR A 185 9.55 13.25 9.94
N ASN A 186 9.89 14.14 10.87
CA ASN A 186 9.55 14.02 12.29
C ASN A 186 8.49 15.10 12.56
N PRO A 187 7.24 14.69 12.83
CA PRO A 187 6.21 15.70 12.98
C PRO A 187 6.31 16.45 14.33
N SER A 188 7.01 15.89 15.31
CA SER A 188 7.17 16.57 16.61
C SER A 188 8.09 17.79 16.46
N THR A 189 9.16 17.64 15.68
CA THR A 189 10.11 18.73 15.43
C THR A 189 9.91 19.45 14.09
N ARG A 190 8.93 18.97 13.31
CA ARG A 190 8.62 19.47 11.97
CA ARG A 190 8.63 19.48 11.98
C ARG A 190 9.90 19.55 11.13
N THR A 191 10.70 18.50 11.17
CA THR A 191 12.01 18.51 10.52
C THR A 191 12.10 17.42 9.47
N ILE A 192 12.53 17.81 8.27
CA ILE A 192 13.02 16.89 7.26
C ILE A 192 14.54 16.69 7.45
N ASP A 193 14.96 15.43 7.55
N ASP A 193 14.97 15.44 7.52
CA ASP A 193 16.36 15.03 7.70
CA ASP A 193 16.39 15.10 7.64
C ASP A 193 16.75 14.15 6.51
C ASP A 193 16.77 14.13 6.53
N VAL A 194 17.96 14.34 5.98
CA VAL A 194 18.50 13.58 4.86
C VAL A 194 19.90 13.15 5.21
N VAL A 195 20.19 11.86 5.09
CA VAL A 195 21.55 11.36 5.21
C VAL A 195 21.84 10.48 3.99
N ALA A 196 22.99 10.70 3.34
CA ALA A 196 23.31 9.99 2.11
C ALA A 196 24.73 9.54 2.19
N THR A 197 24.98 8.32 1.75
CA THR A 197 26.37 7.78 1.71
C THR A 197 26.73 7.02 0.46
N TYR A 198 28.00 7.13 0.07
CA TYR A 198 28.56 6.33 -1.02
C TYR A 198 29.22 5.08 -0.48
N PRO A 199 29.60 4.13 -1.37
CA PRO A 199 30.17 2.85 -0.89
C PRO A 199 31.46 2.95 -0.05
N ASP A 200 32.26 3.97 -0.29
CA ASP A 200 33.49 4.26 0.52
C ASP A 200 33.20 4.93 1.86
N GLY A 201 31.93 5.15 2.18
CA GLY A 201 31.61 5.83 3.44
C GLY A 201 31.44 7.34 3.40
N GLN A 202 31.71 7.95 2.25
CA GLN A 202 31.60 9.43 2.14
C GLN A 202 30.15 9.78 2.46
N ARG A 203 29.97 10.74 3.37
CA ARG A 203 28.66 11.02 3.97
C ARG A 203 28.23 12.46 3.70
N TYR A 204 26.92 12.64 3.52
CA TYR A 204 26.32 13.95 3.37
C TYR A 204 25.06 14.03 4.26
N GLN A 205 24.85 15.15 4.93
CA GLN A 205 23.64 15.32 5.75
C GLN A 205 23.06 16.70 5.53
N LEU A 206 21.73 16.80 5.58
CA LEU A 206 21.06 18.08 5.44
C LEU A 206 19.71 17.99 6.20
N SER A 207 19.30 19.09 6.81
N SER A 207 19.30 19.12 6.75
CA SER A 207 17.98 19.16 7.43
CA SER A 207 18.08 19.24 7.55
C SER A 207 17.32 20.52 7.23
C SER A 207 17.33 20.53 7.23
N HIS A 208 16.00 20.54 7.37
CA HIS A 208 15.26 21.77 7.25
C HIS A 208 13.98 21.64 8.04
N VAL A 209 13.65 22.69 8.80
CA VAL A 209 12.38 22.73 9.52
C VAL A 209 11.28 23.28 8.66
N VAL A 210 10.29 22.44 8.40
CA VAL A 210 9.12 22.81 7.62
C VAL A 210 7.93 21.98 8.09
N ASP A 211 6.82 22.64 8.40
CA ASP A 211 5.61 21.92 8.83
C ASP A 211 4.87 21.49 7.57
N LEU A 212 4.94 20.20 7.25
CA LEU A 212 4.37 19.70 6.00
C LEU A 212 2.87 19.94 5.88
N THR A 213 2.19 20.07 7.02
CA THR A 213 0.73 20.32 7.01
C THR A 213 0.40 21.68 6.46
N THR A 214 1.39 22.59 6.42
CA THR A 214 1.21 23.90 5.80
C THR A 214 1.41 23.96 4.29
N ILE A 215 2.05 22.95 3.72
CA ILE A 215 2.30 22.99 2.31
C ILE A 215 1.62 21.89 1.48
N LEU A 216 1.12 20.84 2.13
CA LEU A 216 0.58 19.67 1.46
C LEU A 216 -0.82 19.33 1.99
N PRO A 217 -1.68 18.76 1.14
CA PRO A 217 -3.01 18.32 1.60
C PRO A 217 -2.98 17.11 2.54
N GLU A 218 -4.15 16.76 3.04
CA GLU A 218 -4.25 15.65 3.98
C GLU A 218 -3.79 14.30 3.43
N TRP A 219 -4.13 14.04 2.17
CA TRP A 219 -3.74 12.84 1.44
C TRP A 219 -2.71 13.27 0.39
N VAL A 220 -1.60 12.53 0.36
CA VAL A 220 -0.53 12.74 -0.63
C VAL A 220 -0.11 11.42 -1.30
N ARG A 221 0.67 11.52 -2.39
CA ARG A 221 1.44 10.42 -2.90
C ARG A 221 2.92 10.72 -2.76
N VAL A 222 3.69 9.66 -2.78
CA VAL A 222 5.15 9.74 -2.69
C VAL A 222 5.79 9.02 -3.87
N GLY A 223 6.99 9.46 -4.25
CA GLY A 223 7.74 8.80 -5.31
C GLY A 223 9.00 9.56 -5.73
N PHE A 224 9.37 9.43 -7.00
CA PHE A 224 10.61 9.96 -7.55
C PHE A 224 10.36 10.64 -8.90
N SER A 225 11.14 11.68 -9.13
CA SER A 225 11.15 12.37 -10.42
C SER A 225 12.60 12.53 -10.88
N ALA A 226 12.83 12.55 -12.19
CA ALA A 226 14.14 12.92 -12.71
C ALA A 226 13.97 13.56 -14.08
N ALA A 227 14.95 14.34 -14.47
CA ALA A 227 14.90 15.00 -15.77
C ALA A 227 16.28 15.21 -16.36
N SER A 228 16.29 15.39 -17.68
CA SER A 228 17.41 15.94 -18.44
C SER A 228 16.93 17.04 -19.38
N GLY A 229 17.80 18.02 -19.65
CA GLY A 229 17.55 19.13 -20.61
C GLY A 229 18.45 18.95 -21.83
N GLU A 230 19.31 19.92 -22.11
CA GLU A 230 20.26 19.77 -23.21
C GLU A 230 21.41 18.80 -22.86
N GLN A 231 21.73 18.70 -21.56
CA GLN A 231 22.67 17.71 -21.07
C GLN A 231 21.89 16.61 -20.34
N PHE A 232 22.47 15.43 -20.19
CA PHE A 232 21.70 14.22 -19.93
C PHE A 232 22.50 13.15 -19.21
N GLN A 233 21.76 12.20 -18.65
CA GLN A 233 22.27 11.05 -17.92
C GLN A 233 21.09 10.13 -17.63
N THR A 234 21.38 8.85 -17.40
CA THR A 234 20.36 7.96 -16.91
C THR A 234 20.22 8.16 -15.40
N HIS A 235 19.01 7.98 -14.92
CA HIS A 235 18.70 8.14 -13.48
C HIS A 235 18.08 6.80 -13.07
N ASN A 236 18.86 6.01 -12.36
CA ASN A 236 18.61 4.58 -12.18
C ASN A 236 18.29 4.30 -10.73
N LEU A 237 17.02 4.04 -10.45
CA LEU A 237 16.56 3.77 -9.05
C LEU A 237 16.67 2.29 -8.80
N GLU A 238 17.49 1.92 -7.81
CA GLU A 238 17.82 0.50 -7.55
C GLU A 238 16.94 -0.16 -6.51
N SER A 239 16.53 0.62 -5.51
CA SER A 239 15.74 0.11 -4.38
C SER A 239 14.97 1.26 -3.74
N TRP A 240 13.90 0.92 -3.03
CA TRP A 240 13.06 1.93 -2.35
C TRP A 240 12.23 1.25 -1.26
N SER A 241 12.35 1.74 -0.01
CA SER A 241 11.42 1.36 1.06
C SER A 241 10.83 2.63 1.67
N PHE A 242 9.62 2.50 2.21
CA PHE A 242 8.85 3.62 2.72
C PHE A 242 7.99 3.17 3.86
N THR A 243 7.87 3.99 4.90
CA THR A 243 6.88 3.72 5.93
C THR A 243 6.31 5.06 6.45
N SER A 244 5.02 5.08 6.72
CA SER A 244 4.38 6.23 7.34
C SER A 244 3.42 5.74 8.43
N THR A 245 3.46 6.40 9.61
CA THR A 245 2.52 6.10 10.70
C THR A 245 1.83 7.38 11.15
N LEU A 246 0.50 7.35 11.17
N LEU A 246 0.50 7.34 11.20
CA LEU A 246 -0.31 8.47 11.64
CA LEU A 246 -0.29 8.49 11.61
C LEU A 246 -0.38 8.40 13.15
C LEU A 246 -0.41 8.43 13.13
N LEU A 247 0.26 9.33 13.82
CA LEU A 247 0.31 9.33 15.28
C LEU A 247 -1.02 9.86 15.84
N SER B 8 15.62 -4.65 2.22
CA SER B 8 16.31 -5.91 1.78
C SER B 8 15.30 -7.03 1.44
N THR B 9 14.00 -6.76 1.63
CA THR B 9 12.95 -7.61 1.07
C THR B 9 12.03 -6.83 0.14
N ASP B 10 11.32 -7.57 -0.70
CA ASP B 10 10.14 -7.07 -1.33
C ASP B 10 8.95 -7.34 -0.37
N SER B 11 8.20 -6.28 -0.02
CA SER B 11 7.13 -6.41 0.96
C SER B 11 6.11 -5.25 0.89
N LEU B 12 4.95 -5.51 1.47
CA LEU B 12 3.84 -4.56 1.58
C LEU B 12 3.21 -4.80 2.95
N SER B 13 2.88 -3.71 3.64
CA SER B 13 2.26 -3.81 4.98
C SER B 13 1.33 -2.64 5.15
N PHE B 14 0.26 -2.88 5.90
CA PHE B 14 -0.62 -1.78 6.28
C PHE B 14 -1.35 -2.14 7.56
N SER B 15 -1.75 -1.12 8.32
N SER B 15 -1.82 -1.11 8.27
CA SER B 15 -2.57 -1.37 9.50
CA SER B 15 -2.50 -1.29 9.55
C SER B 15 -3.59 -0.25 9.70
C SER B 15 -3.62 -0.25 9.64
N PHE B 16 -4.77 -0.64 10.19
CA PHE B 16 -5.84 0.28 10.53
C PHE B 16 -6.23 0.01 11.98
N ILE B 17 -6.29 1.03 12.80
CA ILE B 17 -6.82 0.78 14.14
C ILE B 17 -8.24 1.13 14.30
N ASN B 18 -8.72 1.94 13.39
CA ASN B 18 -10.14 2.14 13.16
C ASN B 18 -10.27 2.61 11.70
N PHE B 19 -11.50 2.82 11.22
CA PHE B 19 -11.75 3.09 9.81
C PHE B 19 -12.44 4.42 9.63
N ASP B 20 -11.65 5.39 9.12
CA ASP B 20 -12.11 6.76 8.87
C ASP B 20 -13.19 6.82 7.79
N ARG B 21 -13.90 7.94 7.73
CA ARG B 21 -15.05 8.07 6.84
C ARG B 21 -14.71 8.07 5.34
N ASP B 22 -13.60 8.64 4.92
CA ASP B 22 -13.28 8.59 3.46
C ASP B 22 -11.87 8.03 3.20
N GLU B 23 -11.75 6.71 3.37
CA GLU B 23 -10.48 6.00 3.32
C GLU B 23 -10.08 5.66 1.89
N ARG B 24 -8.99 6.30 1.47
CA ARG B 24 -8.63 6.31 0.08
C ARG B 24 -8.05 4.98 -0.41
N ASN B 25 -7.53 4.16 0.50
CA ASN B 25 -6.91 2.89 0.11
C ASN B 25 -7.78 1.64 0.30
N LEU B 26 -9.06 1.86 0.57
CA LEU B 26 -10.01 0.74 0.65
C LEU B 26 -11.01 0.84 -0.50
N ILE B 27 -11.33 -0.32 -1.07
CA ILE B 27 -12.35 -0.47 -2.08
C ILE B 27 -13.57 -1.02 -1.39
N PHE B 28 -14.64 -0.23 -1.36
CA PHE B 28 -15.88 -0.60 -0.70
C PHE B 28 -16.84 -1.21 -1.71
N GLN B 29 -17.38 -2.38 -1.38
CA GLN B 29 -18.31 -3.08 -2.28
C GLN B 29 -19.62 -3.35 -1.60
N GLY B 30 -20.72 -3.25 -2.35
CA GLY B 30 -22.05 -3.58 -1.83
C GLY B 30 -22.45 -2.65 -0.72
N ASP B 31 -22.88 -3.23 0.41
CA ASP B 31 -23.40 -2.46 1.54
C ASP B 31 -22.39 -2.00 2.58
N ALA B 32 -21.10 -2.29 2.36
CA ALA B 32 -20.06 -1.91 3.30
C ALA B 32 -20.03 -0.40 3.46
N HIS B 33 -19.90 0.02 4.71
CA HIS B 33 -19.94 1.43 5.08
C HIS B 33 -19.20 1.61 6.40
N THR B 34 -18.94 2.86 6.79
CA THR B 34 -18.39 3.11 8.11
C THR B 34 -19.39 3.76 9.06
N SER B 35 -19.25 3.44 10.34
N SER B 35 -19.24 3.44 10.34
CA SER B 35 -20.05 4.00 11.42
CA SER B 35 -20.05 4.00 11.42
C SER B 35 -19.44 5.30 11.88
C SER B 35 -19.42 5.29 11.91
N ARG B 36 -20.21 6.12 12.59
CA ARG B 36 -19.71 7.42 13.10
C ARG B 36 -18.52 7.29 14.07
N ASN B 37 -18.42 6.16 14.75
CA ASN B 37 -17.25 5.87 15.56
C ASN B 37 -16.23 4.93 14.89
N ASN B 38 -16.14 5.03 13.57
CA ASN B 38 -15.01 4.53 12.81
C ASN B 38 -14.88 3.01 12.88
N ILE B 39 -16.03 2.34 13.01
CA ILE B 39 -16.10 0.89 12.88
C ILE B 39 -16.57 0.65 11.45
N LEU B 40 -16.00 -0.35 10.79
CA LEU B 40 -16.41 -0.74 9.45
C LEU B 40 -17.57 -1.72 9.58
N GLN B 41 -18.70 -1.36 8.98
N GLN B 41 -18.71 -1.37 8.98
CA GLN B 41 -19.90 -2.17 8.99
CA GLN B 41 -19.91 -2.19 8.95
C GLN B 41 -20.05 -2.83 7.63
C GLN B 41 -20.01 -2.83 7.61
N LEU B 42 -19.91 -4.14 7.56
CA LEU B 42 -19.90 -4.82 6.27
C LEU B 42 -21.31 -4.96 5.69
N THR B 43 -22.27 -5.21 6.56
CA THR B 43 -23.64 -5.44 6.13
C THR B 43 -24.55 -4.25 6.48
N ARG B 44 -25.61 -4.14 5.70
CA ARG B 44 -26.58 -3.07 5.78
C ARG B 44 -27.27 -2.98 7.14
N THR B 45 -27.53 -1.74 7.57
CA THR B 45 -28.31 -1.52 8.76
C THR B 45 -29.46 -0.57 8.38
N ASP B 46 -30.47 -0.52 9.20
CA ASP B 46 -31.51 0.51 9.08
C ASP B 46 -31.07 1.80 9.77
N SER B 47 -31.94 2.81 9.81
CA SER B 47 -31.55 4.11 10.32
C SER B 47 -31.27 4.11 11.82
N ASN B 48 -31.71 3.08 12.54
CA ASN B 48 -31.34 2.93 13.96
C ASN B 48 -30.10 2.07 14.20
N GLY B 49 -29.38 1.71 13.13
CA GLY B 49 -28.23 0.80 13.25
C GLY B 49 -28.58 -0.67 13.44
N ALA B 50 -29.85 -1.05 13.24
CA ALA B 50 -30.24 -2.47 13.42
C ALA B 50 -29.92 -3.24 12.13
N PRO B 51 -29.47 -4.50 12.25
CA PRO B 51 -29.18 -5.26 11.05
C PRO B 51 -30.45 -5.62 10.29
N VAL B 52 -30.29 -5.73 8.98
CA VAL B 52 -31.36 -6.07 8.06
C VAL B 52 -31.07 -7.32 7.24
N ARG B 53 -32.13 -7.94 6.76
CA ARG B 53 -32.03 -9.08 5.90
C ARG B 53 -31.38 -8.77 4.53
N SER B 54 -30.85 -9.83 3.92
CA SER B 54 -30.47 -9.90 2.52
C SER B 54 -29.52 -8.79 2.08
N THR B 55 -28.28 -8.91 2.54
CA THR B 55 -27.28 -7.87 2.37
C THR B 55 -25.90 -8.50 2.23
N VAL B 56 -25.08 -7.97 1.32
N VAL B 56 -25.09 -7.96 1.30
CA VAL B 56 -23.66 -8.28 1.34
CA VAL B 56 -23.66 -8.26 1.19
C VAL B 56 -22.81 -7.04 1.18
C VAL B 56 -22.86 -6.95 1.28
N GLY B 57 -21.70 -6.99 1.92
CA GLY B 57 -20.71 -5.94 1.79
C GLY B 57 -19.32 -6.53 1.91
N ARG B 58 -18.36 -5.89 1.24
CA ARG B 58 -16.97 -6.34 1.22
C ARG B 58 -16.06 -5.12 1.16
N ILE B 59 -14.83 -5.31 1.60
CA ILE B 59 -13.76 -4.34 1.34
C ILE B 59 -12.53 -5.11 0.84
N LEU B 60 -11.76 -4.46 -0.03
CA LEU B 60 -10.45 -4.94 -0.45
C LEU B 60 -9.50 -3.77 -0.23
N HIS B 61 -8.25 -4.06 0.13
CA HIS B 61 -7.25 -3.01 0.10
C HIS B 61 -6.89 -2.77 -1.37
N SER B 62 -6.68 -1.51 -1.72
CA SER B 62 -6.38 -1.18 -3.11
C SER B 62 -4.97 -1.64 -3.54
N ALA B 63 -4.04 -1.79 -2.60
CA ALA B 63 -2.70 -2.27 -2.96
C ALA B 63 -2.76 -3.76 -3.32
N GLN B 64 -2.20 -4.11 -4.48
CA GLN B 64 -2.19 -5.51 -4.93
C GLN B 64 -1.02 -6.23 -4.29
N VAL B 65 -1.25 -7.46 -3.85
CA VAL B 65 -0.27 -8.30 -3.23
C VAL B 65 0.30 -9.29 -4.26
N ARG B 66 1.62 -9.34 -4.40
CA ARG B 66 2.27 -10.30 -5.28
C ARG B 66 2.46 -11.59 -4.53
N LEU B 67 1.73 -12.62 -4.94
CA LEU B 67 1.79 -13.95 -4.29
C LEU B 67 3.04 -14.75 -4.58
N TRP B 68 3.66 -14.56 -5.76
CA TRP B 68 4.99 -15.12 -6.05
C TRP B 68 5.76 -14.34 -7.13
N GLU B 69 7.05 -14.64 -7.29
CA GLU B 69 7.91 -14.09 -8.36
C GLU B 69 8.86 -15.21 -8.89
N LYS B 70 8.48 -15.79 -10.04
CA LYS B 70 9.06 -17.03 -10.56
C LYS B 70 10.57 -17.05 -10.75
N SER B 71 11.08 -15.99 -11.36
CA SER B 71 12.48 -15.94 -11.85
C SER B 71 13.51 -16.16 -10.75
N THR B 72 13.11 -15.85 -9.51
CA THR B 72 13.96 -16.11 -8.34
C THR B 72 13.34 -17.19 -7.44
N ASN B 73 12.23 -17.79 -7.89
CA ASN B 73 11.48 -18.82 -7.17
C ASN B 73 11.04 -18.36 -5.77
N ARG B 74 10.56 -17.13 -5.68
CA ARG B 74 10.03 -16.60 -4.41
C ARG B 74 8.52 -16.71 -4.34
N VAL B 75 8.03 -16.90 -3.13
CA VAL B 75 6.62 -16.98 -2.89
C VAL B 75 6.37 -16.14 -1.66
N ALA B 76 5.18 -15.54 -1.58
CA ALA B 76 4.88 -14.63 -0.52
C ALA B 76 4.53 -15.39 0.72
N ASN B 77 4.98 -14.90 1.85
CA ASN B 77 4.34 -15.30 3.05
C ASN B 77 3.23 -14.27 3.29
N LEU B 78 2.42 -14.49 4.30
CA LEU B 78 1.32 -13.59 4.58
C LEU B 78 1.08 -13.69 6.05
N GLN B 79 0.85 -12.54 6.69
CA GLN B 79 0.36 -12.51 8.07
C GLN B 79 -0.68 -11.38 8.15
N THR B 80 -1.81 -11.66 8.80
CA THR B 80 -2.86 -10.64 8.95
C THR B 80 -3.52 -10.86 10.31
N GLN B 81 -3.80 -9.76 11.00
CA GLN B 81 -4.50 -9.76 12.29
C GLN B 81 -5.72 -8.87 12.15
N PHE B 82 -6.83 -9.27 12.73
CA PHE B 82 -8.00 -8.44 12.70
C PHE B 82 -8.90 -8.70 13.89
N SER B 83 -9.79 -7.76 14.19
N SER B 83 -9.78 -7.75 14.20
CA SER B 83 -10.71 -7.85 15.32
CA SER B 83 -10.71 -7.92 15.31
C SER B 83 -12.11 -7.52 14.84
C SER B 83 -12.10 -7.52 14.86
N PHE B 84 -13.09 -8.36 15.16
CA PHE B 84 -14.49 -8.08 14.77
C PHE B 84 -15.44 -8.47 15.88
N PHE B 85 -16.67 -7.95 15.82
CA PHE B 85 -17.74 -8.42 16.66
C PHE B 85 -19.04 -8.43 15.90
N LEU B 86 -19.98 -9.21 16.40
CA LEU B 86 -21.26 -9.44 15.75
C LEU B 86 -22.39 -9.15 16.70
N SER B 87 -23.44 -8.50 16.22
CA SER B 87 -24.63 -8.18 17.07
C SER B 87 -25.95 -8.50 16.36
N SER B 88 -26.91 -9.02 17.12
CA SER B 88 -28.21 -9.41 16.53
C SER B 88 -29.21 -9.68 17.62
N PRO B 89 -30.49 -9.32 17.38
CA PRO B 89 -31.55 -9.70 18.31
C PRO B 89 -32.01 -11.16 18.14
N LEU B 90 -31.56 -11.82 17.07
CA LEU B 90 -32.03 -13.17 16.77
C LEU B 90 -31.34 -14.27 17.55
N SER B 91 -32.09 -15.37 17.75
CA SER B 91 -31.56 -16.60 18.30
C SER B 91 -30.58 -17.31 17.37
N ASN B 92 -30.82 -17.13 16.08
CA ASN B 92 -30.04 -17.78 15.01
C ASN B 92 -29.51 -16.72 14.06
N PRO B 93 -28.53 -15.92 14.54
CA PRO B 93 -28.03 -14.79 13.76
C PRO B 93 -27.19 -15.29 12.58
N ALA B 94 -27.15 -14.54 11.48
CA ALA B 94 -26.57 -15.01 10.22
C ALA B 94 -26.02 -13.85 9.41
N ASP B 95 -25.03 -14.08 8.52
CA ASP B 95 -24.50 -15.38 8.13
C ASP B 95 -23.04 -15.60 8.53
N GLY B 96 -22.29 -14.53 8.61
CA GLY B 96 -20.87 -14.62 8.95
C GLY B 96 -20.00 -13.63 8.22
N ILE B 97 -18.74 -13.60 8.65
CA ILE B 97 -17.71 -12.73 8.11
C ILE B 97 -16.54 -13.59 7.72
N ALA B 98 -15.85 -13.20 6.64
CA ALA B 98 -14.68 -13.91 6.17
C ALA B 98 -13.57 -12.96 5.76
N PHE B 99 -12.33 -13.31 6.11
CA PHE B 99 -11.14 -12.77 5.49
C PHE B 99 -10.96 -13.53 4.16
N PHE B 100 -10.60 -12.84 3.08
CA PHE B 100 -10.44 -13.55 1.80
C PHE B 100 -9.36 -12.93 0.93
N ILE B 101 -8.93 -13.73 -0.03
CA ILE B 101 -7.85 -13.45 -0.98
C ILE B 101 -8.42 -13.86 -2.34
N ALA B 102 -8.39 -12.96 -3.32
CA ALA B 102 -9.00 -13.19 -4.61
C ALA B 102 -8.30 -12.38 -5.68
N PRO B 103 -8.65 -12.62 -6.95
CA PRO B 103 -8.04 -11.76 -7.98
C PRO B 103 -8.37 -10.28 -7.78
N PRO B 104 -7.52 -9.37 -8.27
CA PRO B 104 -7.68 -7.94 -7.98
C PRO B 104 -8.97 -7.31 -8.48
N ASP B 105 -9.58 -7.88 -9.52
CA ASP B 105 -10.85 -7.38 -10.05
C ASP B 105 -12.05 -8.08 -9.47
N THR B 106 -11.86 -8.80 -8.36
CA THR B 106 -12.98 -9.49 -7.73
C THR B 106 -14.12 -8.52 -7.39
N THR B 107 -15.34 -8.99 -7.64
CA THR B 107 -16.56 -8.30 -7.29
C THR B 107 -17.59 -9.25 -6.65
N ILE B 108 -18.59 -8.67 -6.02
CA ILE B 108 -19.64 -9.42 -5.34
C ILE B 108 -20.38 -10.27 -6.38
N PRO B 109 -20.38 -11.60 -6.22
CA PRO B 109 -21.13 -12.40 -7.19
C PRO B 109 -22.64 -12.23 -7.05
N SER B 110 -23.35 -12.37 -8.16
CA SER B 110 -24.79 -12.42 -8.13
C SER B 110 -25.23 -13.62 -7.27
N GLY B 111 -26.25 -13.38 -6.44
CA GLY B 111 -26.84 -14.44 -5.63
C GLY B 111 -26.02 -14.81 -4.39
N SER B 112 -24.99 -14.03 -4.08
CA SER B 112 -24.03 -14.43 -3.02
C SER B 112 -24.43 -14.05 -1.58
N ALA B 113 -25.67 -13.57 -1.35
CA ALA B 113 -26.11 -13.24 0.01
C ALA B 113 -26.32 -14.50 0.82
N GLY B 114 -26.81 -14.37 2.05
CA GLY B 114 -26.98 -15.51 2.92
C GLY B 114 -25.71 -16.29 3.16
N GLY B 115 -25.86 -17.61 3.12
CA GLY B 115 -24.78 -18.54 3.46
C GLY B 115 -23.60 -18.61 2.51
N LEU B 116 -23.70 -17.93 1.37
CA LEU B 116 -22.56 -17.81 0.45
C LEU B 116 -21.61 -16.69 0.83
N LEU B 117 -21.97 -15.88 1.84
CA LEU B 117 -21.06 -14.93 2.50
C LEU B 117 -20.47 -13.84 1.59
N GLY B 118 -21.15 -13.55 0.47
CA GLY B 118 -20.66 -12.60 -0.52
C GLY B 118 -19.50 -13.04 -1.39
N LEU B 119 -19.18 -14.33 -1.37
CA LEU B 119 -17.99 -14.87 -1.99
C LEU B 119 -18.22 -15.71 -3.23
N PHE B 120 -19.42 -16.27 -3.38
CA PHE B 120 -19.69 -17.27 -4.42
C PHE B 120 -21.00 -17.06 -5.08
N ASN B 121 -21.09 -17.49 -6.34
CA ASN B 121 -22.34 -17.52 -7.08
C ASN B 121 -22.99 -18.88 -6.76
N PRO B 122 -24.31 -18.93 -6.57
CA PRO B 122 -24.95 -20.21 -6.25
C PRO B 122 -24.67 -21.33 -7.28
N ARG B 123 -24.55 -20.96 -8.54
CA ARG B 123 -24.32 -21.93 -9.61
C ARG B 123 -23.01 -22.66 -9.42
N THR B 124 -22.00 -21.97 -8.90
CA THR B 124 -20.63 -22.53 -8.91
C THR B 124 -20.01 -22.60 -7.50
N ALA B 125 -20.84 -22.41 -6.46
CA ALA B 125 -20.31 -22.33 -5.06
C ALA B 125 -19.62 -23.59 -4.55
N LEU B 126 -19.95 -24.75 -5.13
CA LEU B 126 -19.34 -26.01 -4.72
C LEU B 126 -18.35 -26.56 -5.76
N ASN B 127 -18.13 -25.77 -6.81
CA ASN B 127 -17.34 -26.15 -7.96
C ASN B 127 -15.97 -25.48 -7.94
N GLU B 128 -14.97 -26.18 -7.41
CA GLU B 128 -13.64 -25.61 -7.29
C GLU B 128 -13.05 -25.06 -8.59
N SER B 129 -13.23 -25.72 -9.72
CA SER B 129 -12.67 -25.19 -10.97
C SER B 129 -13.20 -23.83 -11.45
N ALA B 130 -14.33 -23.37 -10.90
CA ALA B 130 -14.98 -22.15 -11.33
C ALA B 130 -14.66 -20.94 -10.44
N ASN B 131 -13.85 -21.15 -9.41
CA ASN B 131 -13.56 -20.10 -8.43
C ASN B 131 -12.05 -19.89 -8.22
N GLN B 132 -11.67 -18.68 -7.79
CA GLN B 132 -10.29 -18.37 -7.35
C GLN B 132 -10.36 -17.59 -6.04
N VAL B 133 -10.37 -18.33 -4.93
CA VAL B 133 -10.54 -17.68 -3.64
C VAL B 133 -10.04 -18.55 -2.51
N LEU B 134 -9.32 -17.92 -1.59
CA LEU B 134 -9.01 -18.53 -0.30
C LEU B 134 -9.73 -17.69 0.74
N ALA B 135 -10.55 -18.29 1.58
CA ALA B 135 -11.22 -17.50 2.64
C ALA B 135 -11.09 -18.18 3.96
N VAL B 136 -11.03 -17.37 5.02
CA VAL B 136 -11.13 -17.87 6.40
C VAL B 136 -12.45 -17.32 6.94
N GLU B 137 -13.41 -18.22 7.09
CA GLU B 137 -14.77 -17.84 7.48
C GLU B 137 -15.07 -18.04 8.95
N PHE B 138 -15.90 -17.16 9.48
CA PHE B 138 -16.48 -17.22 10.83
C PHE B 138 -18.02 -17.32 10.61
N ASP B 139 -18.52 -18.56 10.67
CA ASP B 139 -19.82 -18.94 10.11
C ASP B 139 -20.71 -19.20 11.33
N THR B 140 -21.76 -18.36 11.45
CA THR B 140 -22.66 -18.40 12.59
C THR B 140 -23.99 -19.13 12.32
N PHE B 141 -24.20 -19.56 11.07
CA PHE B 141 -25.53 -20.08 10.68
C PHE B 141 -25.32 -21.31 9.83
N PHE B 142 -25.87 -22.42 10.34
CA PHE B 142 -25.51 -23.76 9.84
C PHE B 142 -26.72 -24.68 9.59
N ALA B 143 -27.91 -24.11 9.51
CA ALA B 143 -29.11 -24.91 9.28
C ALA B 143 -28.88 -25.87 8.09
N GLN B 144 -29.08 -27.17 8.34
CA GLN B 144 -28.69 -28.19 7.41
C GLN B 144 -29.56 -28.23 6.16
N ASN B 145 -30.77 -27.67 6.26
CA ASN B 145 -31.69 -27.65 5.12
C ASN B 145 -31.48 -26.50 4.14
N SER B 146 -30.68 -25.49 4.51
CA SER B 146 -30.28 -24.42 3.60
C SER B 146 -28.78 -24.34 3.38
N ASN B 147 -28.01 -24.41 4.47
CA ASN B 147 -26.54 -24.38 4.39
C ASN B 147 -26.11 -25.85 4.35
N THR B 148 -26.40 -26.55 3.23
CA THR B 148 -26.29 -28.00 3.17
C THR B 148 -24.84 -28.47 3.21
N TRP B 149 -23.94 -27.55 2.89
CA TRP B 149 -22.47 -27.80 2.88
C TRP B 149 -21.82 -27.68 4.25
N ASP B 150 -22.52 -27.18 5.26
CA ASP B 150 -21.94 -26.87 6.57
C ASP B 150 -21.98 -28.04 7.52
N PRO B 151 -21.04 -28.09 8.47
CA PRO B 151 -21.18 -28.97 9.62
C PRO B 151 -22.35 -28.43 10.46
N ASN B 152 -22.90 -29.23 11.38
CA ASN B 152 -24.10 -28.81 12.12
C ASN B 152 -23.80 -28.08 13.43
N TYR B 153 -22.98 -27.04 13.32
CA TYR B 153 -22.63 -26.20 14.44
C TYR B 153 -21.96 -24.96 13.87
N GLN B 154 -21.86 -23.93 14.70
CA GLN B 154 -21.06 -22.75 14.34
C GLN B 154 -19.60 -23.13 14.25
N HIS B 155 -18.88 -22.49 13.36
CA HIS B 155 -17.52 -22.95 13.01
C HIS B 155 -16.68 -21.87 12.38
N ILE B 156 -15.36 -22.06 12.49
CA ILE B 156 -14.39 -21.35 11.67
C ILE B 156 -14.00 -22.36 10.57
N GLY B 157 -13.88 -21.86 9.34
CA GLY B 157 -13.46 -22.72 8.23
C GLY B 157 -12.43 -22.10 7.31
N ILE B 158 -11.66 -22.98 6.67
CA ILE B 158 -10.77 -22.58 5.60
C ILE B 158 -11.37 -23.06 4.29
N ASP B 159 -11.67 -22.11 3.41
CA ASP B 159 -12.40 -22.32 2.16
C ASP B 159 -11.42 -22.16 1.01
N VAL B 160 -11.34 -23.19 0.18
CA VAL B 160 -10.46 -23.19 -0.99
C VAL B 160 -11.34 -23.37 -2.23
N ASN B 161 -11.70 -22.27 -2.92
CA ASN B 161 -12.49 -22.30 -4.14
C ASN B 161 -13.91 -22.85 -3.98
N SER B 162 -14.42 -22.83 -2.76
CA SER B 162 -15.69 -23.43 -2.48
C SER B 162 -16.20 -22.94 -1.12
N ILE B 163 -17.52 -22.81 -1.02
CA ILE B 163 -18.19 -22.52 0.27
C ILE B 163 -18.20 -23.72 1.25
N ARG B 164 -17.92 -24.91 0.73
CA ARG B 164 -17.74 -26.10 1.54
C ARG B 164 -16.28 -26.08 1.97
N SER B 165 -16.06 -25.86 3.26
CA SER B 165 -14.71 -25.70 3.79
C SER B 165 -13.90 -26.98 3.68
N SER B 166 -12.60 -26.83 3.43
CA SER B 166 -11.64 -27.94 3.47
C SER B 166 -11.39 -28.46 4.86
N LYS B 167 -11.33 -27.55 5.85
CA LYS B 167 -11.17 -27.86 7.26
C LYS B 167 -12.05 -26.91 8.02
N VAL B 168 -12.60 -27.41 9.12
CA VAL B 168 -13.38 -26.60 10.04
C VAL B 168 -13.02 -26.95 11.45
N VAL B 169 -13.34 -26.04 12.36
CA VAL B 169 -13.28 -26.28 13.81
C VAL B 169 -14.53 -25.66 14.42
N ARG B 170 -15.12 -26.34 15.38
CA ARG B 170 -16.28 -25.81 16.12
C ARG B 170 -15.90 -24.51 16.80
N TRP B 171 -16.80 -23.52 16.72
CA TRP B 171 -16.56 -22.20 17.25
C TRP B 171 -17.86 -21.74 17.91
N GLU B 172 -17.78 -20.91 18.93
CA GLU B 172 -18.96 -20.33 19.58
C GLU B 172 -19.01 -18.83 19.30
N ARG B 173 -20.09 -18.38 18.65
CA ARG B 173 -20.37 -16.95 18.51
C ARG B 173 -20.74 -16.38 19.87
N ARG B 174 -20.26 -15.20 20.20
CA ARG B 174 -20.57 -14.54 21.49
C ARG B 174 -21.07 -13.17 21.17
N GLU B 175 -22.33 -12.92 21.52
CA GLU B 175 -22.99 -11.66 21.17
C GLU B 175 -22.17 -10.42 21.59
N GLY B 176 -21.83 -9.61 20.60
CA GLY B 176 -21.08 -8.38 20.82
C GLY B 176 -19.62 -8.43 21.20
N LYS B 177 -19.08 -9.64 21.46
CA LYS B 177 -17.71 -9.75 21.95
C LYS B 177 -16.70 -9.74 20.81
N THR B 178 -15.60 -9.03 21.04
N THR B 178 -15.60 -9.05 21.03
CA THR B 178 -14.51 -8.96 20.07
CA THR B 178 -14.55 -8.98 20.02
C THR B 178 -13.80 -10.30 19.95
C THR B 178 -13.77 -10.27 19.95
N LEU B 179 -13.58 -10.75 18.72
CA LEU B 179 -12.76 -11.92 18.46
C LEU B 179 -11.50 -11.39 17.76
N ASN B 180 -10.33 -11.74 18.31
N ASN B 180 -10.33 -11.72 18.33
CA ASN B 180 -9.05 -11.32 17.76
CA ASN B 180 -9.03 -11.34 17.76
C ASN B 180 -8.45 -12.47 16.97
C ASN B 180 -8.45 -12.49 16.97
N VAL B 181 -8.16 -12.25 15.70
CA VAL B 181 -7.76 -13.33 14.80
C VAL B 181 -6.39 -13.06 14.21
N LEU B 182 -5.59 -14.11 14.11
CA LEU B 182 -4.36 -14.13 13.36
C LEU B 182 -4.46 -15.21 12.26
N VAL B 183 -4.22 -14.82 11.02
CA VAL B 183 -4.11 -15.76 9.88
C VAL B 183 -2.73 -15.64 9.23
N THR B 184 -2.09 -16.78 9.05
CA THR B 184 -0.80 -16.81 8.36
C THR B 184 -0.78 -17.80 7.21
N TYR B 185 0.07 -17.51 6.23
CA TYR B 185 0.44 -18.47 5.20
C TYR B 185 1.96 -18.61 5.21
N ASN B 186 2.43 -19.86 5.37
CA ASN B 186 3.85 -20.20 5.37
C ASN B 186 4.09 -20.89 4.04
N PRO B 187 4.82 -20.24 3.13
CA PRO B 187 5.01 -20.77 1.80
C PRO B 187 5.94 -21.98 1.78
N SER B 188 6.76 -22.13 2.81
CA SER B 188 7.67 -23.29 2.94
C SER B 188 6.92 -24.59 3.24
N THR B 189 5.94 -24.51 4.14
CA THR B 189 5.13 -25.69 4.46
C THR B 189 3.76 -25.68 3.73
N ARG B 190 3.49 -24.63 2.94
CA ARG B 190 2.22 -24.44 2.24
C ARG B 190 1.02 -24.55 3.18
N THR B 191 1.13 -23.93 4.35
CA THR B 191 0.11 -24.08 5.38
C THR B 191 -0.55 -22.75 5.69
N ILE B 192 -1.88 -22.74 5.63
CA ILE B 192 -2.71 -21.70 6.24
C ILE B 192 -2.96 -22.08 7.71
N ASP B 193 -2.65 -21.15 8.60
N ASP B 193 -2.61 -21.18 8.63
CA ASP B 193 -2.89 -21.33 9.99
CA ASP B 193 -2.84 -21.35 10.06
C ASP B 193 -3.77 -20.20 10.51
C ASP B 193 -3.77 -20.22 10.53
N VAL B 194 -4.71 -20.56 11.39
CA VAL B 194 -5.67 -19.58 11.92
C VAL B 194 -5.70 -19.71 13.42
N VAL B 195 -5.56 -18.59 14.14
CA VAL B 195 -5.74 -18.61 15.59
C VAL B 195 -6.69 -17.46 15.95
N ALA B 196 -7.70 -17.77 16.76
CA ALA B 196 -8.72 -16.79 17.11
C ALA B 196 -8.94 -16.86 18.60
N THR B 197 -9.00 -15.70 19.26
CA THR B 197 -9.04 -15.64 20.70
C THR B 197 -10.06 -14.59 21.15
N TYR B 198 -10.91 -14.96 22.09
CA TYR B 198 -11.76 -14.01 22.76
C TYR B 198 -11.01 -13.33 23.89
N PRO B 199 -11.55 -12.20 24.38
CA PRO B 199 -10.87 -11.45 25.43
C PRO B 199 -10.58 -12.20 26.72
N ASP B 200 -11.38 -13.19 27.03
CA ASP B 200 -11.13 -14.05 28.19
C ASP B 200 -10.09 -15.13 27.98
N GLY B 201 -9.50 -15.19 26.79
CA GLY B 201 -8.48 -16.20 26.47
C GLY B 201 -8.97 -17.47 25.78
N GLN B 202 -10.28 -17.63 25.62
CA GLN B 202 -10.78 -18.80 24.91
C GLN B 202 -10.24 -18.80 23.48
N ARG B 203 -9.60 -19.89 23.08
CA ARG B 203 -8.85 -19.93 21.83
C ARG B 203 -9.42 -20.98 20.91
N TYR B 204 -9.32 -20.71 19.62
CA TYR B 204 -9.66 -21.66 18.56
C TYR B 204 -8.51 -21.69 17.55
N GLN B 205 -8.14 -22.87 17.07
CA GLN B 205 -7.07 -22.98 16.07
C GLN B 205 -7.48 -23.92 14.96
N LEU B 206 -7.01 -23.65 13.74
CA LEU B 206 -7.33 -24.43 12.57
C LEU B 206 -6.20 -24.24 11.56
N SER B 207 -5.82 -25.31 10.88
N SER B 207 -5.78 -25.32 10.91
CA SER B 207 -4.89 -25.19 9.76
CA SER B 207 -4.79 -25.28 9.84
C SER B 207 -5.19 -26.14 8.61
C SER B 207 -5.18 -26.14 8.63
N HIS B 208 -4.65 -25.79 7.46
CA HIS B 208 -4.87 -26.58 6.26
C HIS B 208 -3.72 -26.39 5.32
N VAL B 209 -3.27 -27.50 4.73
CA VAL B 209 -2.24 -27.43 3.69
C VAL B 209 -2.86 -27.21 2.31
N VAL B 210 -2.52 -26.07 1.71
CA VAL B 210 -2.94 -25.72 0.35
C VAL B 210 -1.85 -24.81 -0.21
N ASP B 211 -1.34 -25.19 -1.38
CA ASP B 211 -0.35 -24.39 -2.08
C ASP B 211 -1.13 -23.28 -2.78
N LEU B 212 -1.01 -22.05 -2.27
CA LEU B 212 -1.80 -20.96 -2.80
C LEU B 212 -1.44 -20.64 -4.23
N THR B 213 -0.21 -20.99 -4.64
CA THR B 213 0.20 -20.73 -6.04
C THR B 213 -0.55 -21.60 -7.03
N THR B 214 -1.17 -22.67 -6.55
CA THR B 214 -1.94 -23.53 -7.46
C THR B 214 -3.39 -23.10 -7.59
N ILE B 215 -3.87 -22.19 -6.74
CA ILE B 215 -5.27 -21.77 -6.80
C ILE B 215 -5.51 -20.28 -7.10
N LEU B 216 -4.50 -19.44 -6.91
CA LEU B 216 -4.66 -17.99 -7.07
C LEU B 216 -3.66 -17.47 -8.08
N PRO B 217 -3.97 -16.32 -8.74
CA PRO B 217 -3.02 -15.73 -9.69
C PRO B 217 -1.86 -15.02 -8.99
N GLU B 218 -0.88 -14.57 -9.79
CA GLU B 218 0.34 -14.00 -9.27
C GLU B 218 0.07 -12.75 -8.42
N TRP B 219 -0.88 -11.95 -8.86
CA TRP B 219 -1.34 -10.74 -8.14
C TRP B 219 -2.75 -10.94 -7.63
N VAL B 220 -2.94 -10.63 -6.36
CA VAL B 220 -4.25 -10.74 -5.70
C VAL B 220 -4.59 -9.47 -4.91
N ARG B 221 -5.84 -9.35 -4.47
CA ARG B 221 -6.23 -8.41 -3.41
C ARG B 221 -6.72 -9.18 -2.18
N VAL B 222 -6.63 -8.52 -1.05
CA VAL B 222 -7.01 -9.09 0.26
C VAL B 222 -8.06 -8.19 0.92
N GLY B 223 -8.92 -8.80 1.71
CA GLY B 223 -9.99 -8.05 2.35
C GLY B 223 -10.99 -8.91 3.10
N PHE B 224 -12.20 -8.37 3.24
CA PHE B 224 -13.24 -9.02 4.07
C PHE B 224 -14.58 -8.98 3.35
N SER B 225 -15.37 -10.01 3.60
CA SER B 225 -16.73 -10.11 3.09
C SER B 225 -17.67 -10.55 4.23
N ALA B 226 -18.93 -10.13 4.15
CA ALA B 226 -19.92 -10.59 5.11
C ALA B 226 -21.26 -10.56 4.42
N ALA B 227 -22.17 -11.38 4.91
CA ALA B 227 -23.54 -11.40 4.38
C ALA B 227 -24.56 -11.77 5.44
N SER B 228 -25.81 -11.41 5.13
CA SER B 228 -27.01 -11.96 5.78
C SER B 228 -28.02 -12.36 4.70
N GLY B 229 -28.88 -13.33 5.05
CA GLY B 229 -29.94 -13.83 4.19
C GLY B 229 -31.27 -13.47 4.84
N GLU B 230 -32.11 -14.47 5.09
CA GLU B 230 -33.36 -14.26 5.87
C GLU B 230 -33.10 -13.99 7.35
N GLN B 231 -31.93 -14.44 7.88
CA GLN B 231 -31.53 -14.11 9.23
C GLN B 231 -30.35 -13.18 9.10
N PHE B 232 -30.06 -12.45 10.19
CA PHE B 232 -29.22 -11.27 10.09
C PHE B 232 -28.49 -10.95 11.38
N GLN B 233 -27.48 -10.09 11.22
CA GLN B 233 -26.62 -9.59 12.28
C GLN B 233 -25.74 -8.50 11.65
N THR B 234 -25.23 -7.57 12.47
CA THR B 234 -24.20 -6.64 12.06
C THR B 234 -22.83 -7.36 12.11
N HIS B 235 -21.98 -7.03 11.16
CA HIS B 235 -20.64 -7.61 11.07
C HIS B 235 -19.69 -6.41 11.15
N ASN B 236 -19.11 -6.22 12.33
CA ASN B 236 -18.40 -4.99 12.71
C ASN B 236 -16.93 -5.25 12.73
N LEU B 237 -16.19 -4.66 11.80
CA LEU B 237 -14.73 -4.81 11.76
C LEU B 237 -14.09 -3.60 12.45
N GLU B 238 -13.29 -3.87 13.47
N GLU B 238 -13.29 -3.88 13.46
CA GLU B 238 -12.70 -2.84 14.32
CA GLU B 238 -12.72 -2.86 14.32
C GLU B 238 -11.30 -2.43 13.93
C GLU B 238 -11.31 -2.44 13.96
N SER B 239 -10.51 -3.39 13.46
CA SER B 239 -9.12 -3.16 13.17
C SER B 239 -8.59 -4.27 12.27
N TRP B 240 -7.49 -3.98 11.57
CA TRP B 240 -6.93 -4.87 10.56
C TRP B 240 -5.52 -4.47 10.29
N SER B 241 -4.61 -5.42 10.41
CA SER B 241 -3.22 -5.25 9.97
C SER B 241 -2.83 -6.39 9.07
N PHE B 242 -1.94 -6.11 8.12
CA PHE B 242 -1.58 -7.09 7.10
C PHE B 242 -0.10 -6.89 6.70
N THR B 243 0.58 -8.00 6.45
N THR B 243 0.60 -8.00 6.47
CA THR B 243 1.91 -7.93 5.86
CA THR B 243 1.95 -7.94 5.90
C THR B 243 2.17 -9.11 4.93
C THR B 243 2.17 -9.10 4.94
N SER B 244 2.86 -8.82 3.84
CA SER B 244 3.26 -9.83 2.88
C SER B 244 4.72 -9.56 2.48
N THR B 245 5.52 -10.62 2.49
CA THR B 245 6.94 -10.53 2.11
C THR B 245 7.30 -11.65 1.14
N LEU B 246 7.98 -11.33 0.04
CA LEU B 246 8.44 -12.37 -0.88
C LEU B 246 9.69 -13.08 -0.34
N LEU B 247 9.63 -14.41 -0.26
CA LEU B 247 10.70 -15.22 0.35
C LEU B 247 11.20 -16.35 -0.55
N TYR B 248 12.48 -16.72 -0.42
CA TYR B 248 12.99 -18.00 -0.95
C TYR B 248 14.23 -17.77 -1.82
C1 NAG C . 19.95 37.18 -23.12
C2 NAG C . 20.63 36.22 -24.08
C3 NAG C . 20.15 34.78 -23.93
C4 NAG C . 20.14 34.35 -22.46
C5 NAG C . 19.29 35.35 -21.70
C6 NAG C . 19.23 35.01 -20.20
C7 NAG C . 21.35 37.14 -26.25
C8 NAG C . 20.95 37.45 -27.67
N2 NAG C . 20.40 36.59 -25.50
O3 NAG C . 21.00 33.97 -24.67
O4 NAG C . 19.58 33.04 -22.41
O5 NAG C . 19.86 36.65 -21.80
O6 NAG C . 20.55 35.02 -19.71
O7 NAG C . 22.48 37.41 -25.82
C1 NAG C . 20.40 32.12 -21.67
C2 NAG C . 19.53 30.86 -21.55
C3 NAG C . 20.32 29.77 -20.82
C4 NAG C . 21.71 29.61 -21.42
C5 NAG C . 22.44 30.97 -21.55
C6 NAG C . 23.78 30.85 -22.23
C7 NAG C . 17.09 31.03 -21.45
C8 NAG C . 15.88 31.26 -20.58
N2 NAG C . 18.28 31.10 -20.86
O3 NAG C . 19.54 28.55 -20.89
O4 NAG C . 22.53 28.77 -20.59
O5 NAG C . 21.63 31.86 -22.30
O6 NAG C . 23.61 30.29 -23.51
O7 NAG C . 16.93 30.79 -22.66
C1 BMA C . 22.82 27.51 -21.18
C2 BMA C . 23.92 26.78 -20.42
C3 BMA C . 24.10 25.42 -21.10
C4 BMA C . 22.75 24.67 -21.23
C5 BMA C . 21.71 25.56 -21.94
C6 BMA C . 20.34 24.87 -22.00
O2 BMA C . 23.64 26.71 -19.01
O3 BMA C . 25.04 24.67 -20.37
O4 BMA C . 23.02 23.46 -21.90
O5 BMA C . 21.60 26.79 -21.22
O6 BMA C . 19.87 24.66 -20.67
C1 MAN C . 26.32 24.48 -21.05
C2 MAN C . 27.11 23.37 -20.33
C3 MAN C . 27.55 23.87 -18.97
C4 MAN C . 28.32 25.18 -19.14
C5 MAN C . 27.50 26.20 -19.91
C6 MAN C . 28.33 27.44 -20.22
O2 MAN C . 28.27 23.05 -21.09
O3 MAN C . 28.38 22.86 -18.37
O4 MAN C . 28.66 25.72 -17.89
O5 MAN C . 27.08 25.65 -21.15
O6 MAN C . 27.51 28.45 -20.77
C1 NAG C . 28.09 22.04 -22.09
C2 NAG C . 29.19 22.33 -23.11
C3 NAG C . 29.12 21.26 -24.18
C4 NAG C . 29.22 19.87 -23.54
C5 NAG C . 28.13 19.70 -22.49
C6 NAG C . 28.19 18.32 -21.83
C7 NAG C . 29.60 24.75 -23.32
C8 NAG C . 29.12 26.03 -23.95
N2 NAG C . 28.92 23.66 -23.65
O3 NAG C . 30.23 21.45 -25.05
O4 NAG C . 29.02 18.90 -24.53
O5 NAG C . 28.21 20.76 -21.54
O6 NAG C . 29.41 18.12 -21.18
O7 NAG C . 30.55 24.77 -22.52
C1 MAN C . 18.97 23.52 -20.65
C2 MAN C . 17.90 23.80 -19.60
C3 MAN C . 18.45 23.66 -18.19
C4 MAN C . 19.19 22.35 -18.03
C5 MAN C . 20.28 22.29 -19.10
C6 MAN C . 21.08 21.01 -18.97
O2 MAN C . 16.90 22.85 -19.86
O3 MAN C . 17.38 23.79 -17.26
O4 MAN C . 19.79 22.37 -16.76
O5 MAN C . 19.67 22.31 -20.40
O6 MAN C . 20.29 19.85 -19.20
C1 NAG C . 15.57 23.36 -20.10
C2 NAG C . 14.76 22.37 -20.90
C3 NAG C . 13.34 22.92 -21.06
C4 NAG C . 12.72 23.37 -19.74
C5 NAG C . 13.67 24.26 -18.95
C6 NAG C . 13.23 24.56 -17.52
C7 NAG C . 15.38 20.96 -22.81
C8 NAG C . 16.04 20.89 -24.17
N2 NAG C . 15.36 22.15 -22.23
O3 NAG C . 12.50 21.97 -21.71
O4 NAG C . 11.45 24.00 -19.92
O5 NAG C . 14.97 23.69 -18.88
O6 NAG C . 14.00 25.61 -16.98
O7 NAG C . 14.87 19.95 -22.30
C1 NAG D . -38.22 -28.92 -1.79
C2 NAG D . -38.97 -28.09 -0.74
C3 NAG D . -38.19 -26.80 -0.44
C4 NAG D . -36.72 -27.10 -0.13
C5 NAG D . -36.08 -28.00 -1.18
C6 NAG D . -34.71 -28.37 -0.63
C7 NAG D . -41.42 -27.74 -0.44
C8 NAG D . -42.70 -27.26 -1.10
N2 NAG D . -40.32 -27.71 -1.20
O3 NAG D . -38.83 -26.02 0.57
O4 NAG D . -35.93 -25.92 -0.15
O5 NAG D . -36.85 -29.17 -1.45
O6 NAG D . -34.85 -28.81 0.72
O7 NAG D . -41.49 -28.12 0.73
C1 NAG D . -35.34 -25.66 1.14
C2 NAG D . -34.63 -24.33 0.95
C3 NAG D . -34.08 -23.81 2.27
C4 NAG D . -35.13 -23.88 3.38
C5 NAG D . -35.73 -25.29 3.42
C5 NAG D . -35.82 -25.23 3.44
C6 NAG D . -36.77 -25.44 4.51
C6 NAG D . -37.04 -25.19 4.37
C7 NAG D . -33.55 -23.69 -1.16
C8 NAG D . -32.43 -23.94 -2.11
N2 NAG D . -33.57 -24.44 -0.05
O3 NAG D . -33.62 -22.50 2.01
O4 NAG D . -34.47 -23.72 4.60
O5 NAG D . -36.30 -25.55 2.17
O6 NAG D . -37.92 -24.70 4.13
O6 NAG D . -37.56 -26.49 4.50
O7 NAG D . -34.36 -22.80 -1.43
C1 BMA D . -34.69 -22.48 5.28
C2 BMA D . -34.17 -22.57 6.70
C3 BMA D . -34.34 -21.19 7.34
C4 BMA D . -33.70 -20.08 6.48
C5 BMA D . -34.28 -20.22 5.07
C6 BMA D . -33.72 -19.21 4.11
O2 BMA D . -32.79 -22.99 6.72
O3 BMA D . -33.74 -21.18 8.61
O4 BMA D . -33.99 -18.81 7.05
O5 BMA D . -34.02 -21.50 4.52
O6 BMA D . -32.31 -19.38 3.95
C1 MAN D . -34.65 -21.13 9.72
C2 MAN D . -33.89 -20.84 11.01
C3 MAN D . -32.98 -22.01 11.35
C4 MAN D . -33.79 -23.29 11.39
C5 MAN D . -34.58 -23.49 10.10
C6 MAN D . -35.46 -24.74 10.19
O2 MAN D . -34.85 -20.68 12.05
O3 MAN D . -32.30 -21.76 12.59
O4 MAN D . -32.95 -24.42 11.64
O5 MAN D . -35.37 -22.36 9.80
O6 MAN D . -36.18 -24.88 8.99
C1 NAG D . -35.31 -19.34 12.19
C2 NAG D . -36.68 -19.51 12.87
C3 NAG D . -37.27 -18.13 13.12
C4 NAG D . -36.29 -17.29 13.89
C5 NAG D . -34.97 -17.23 13.12
C6 NAG D . -33.98 -16.31 13.81
C7 NAG D . -37.81 -21.62 12.30
C8 NAG D . -38.72 -22.36 11.36
N2 NAG D . -37.57 -20.32 12.06
O3 NAG D . -38.48 -18.28 13.82
O4 NAG D . -36.87 -15.99 14.05
O5 NAG D . -34.44 -18.55 12.96
O6 NAG D . -33.63 -16.87 15.05
O7 NAG D . -37.29 -22.24 13.22
C1 MAN D . -31.67 -18.14 3.62
C2 MAN D . -30.47 -18.42 2.72
C3 MAN D . -29.38 -19.12 3.54
C4 MAN D . -29.09 -18.28 4.77
C5 MAN D . -30.38 -18.08 5.58
C6 MAN D . -30.13 -17.26 6.83
O2 MAN D . -30.03 -17.19 2.15
O3 MAN D . -28.21 -19.29 2.76
O4 MAN D . -28.08 -18.91 5.56
O5 MAN D . -31.33 -17.36 4.76
O6 MAN D . -29.71 -15.92 6.61
C1 NAG D . -30.05 -17.16 0.74
C2 NAG D . -30.27 -15.74 0.25
C3 NAG D . -30.12 -15.69 -1.27
C4 NAG D . -28.85 -16.42 -1.72
C5 NAG D . -28.75 -17.83 -1.17
C6 NAG D . -27.40 -18.52 -1.42
C7 NAG D . -31.76 -13.93 1.01
C8 NAG D . -33.14 -13.51 1.43
N2 NAG D . -31.58 -15.22 0.66
O3 NAG D . -30.19 -14.37 -1.79
O4 NAG D . -28.82 -16.40 -3.15
O5 NAG D . -28.85 -17.73 0.24
O6 NAG D . -27.44 -19.86 -0.99
O7 NAG D . -30.86 -13.07 1.07
N ASN E . 19.00 42.43 -23.28
CA ASN E . 20.20 41.98 -24.00
C ASN E . 19.90 41.46 -25.41
O ASN E . 18.73 41.35 -25.79
CB ASN E . 20.87 40.86 -23.21
CG ASN E . 20.04 39.57 -23.19
OD1 ASN E . 18.81 39.61 -23.22
ND2 ASN E . 20.71 38.42 -23.13
OXT ASN E . 20.80 41.06 -26.19
MN MN F . 19.22 22.57 -7.20
CA CA G . 20.17 22.16 -11.27
C1 GOL H . -3.68 5.40 4.54
C1 GOL H . -3.64 5.36 4.75
O1 GOL H . -4.54 4.34 4.15
O1 GOL H . -4.53 4.39 4.22
C2 GOL H . -2.80 4.96 5.72
C2 GOL H . -2.87 4.78 5.93
O2 GOL H . -3.64 4.64 6.80
O2 GOL H . -3.79 4.29 6.90
C3 GOL H . -1.79 6.04 6.12
C3 GOL H . -1.94 5.83 6.52
O3 GOL H . -1.28 5.72 7.42
O3 GOL H . -1.36 6.65 5.52
C URE I . 18.95 31.06 -2.95
O URE I . 18.30 31.97 -3.41
N1 URE I . 19.09 30.89 -1.62
N2 URE I . 19.55 30.20 -3.77
C1 GOL J . 3.98 20.47 -7.80
O1 GOL J . 3.04 21.35 -7.20
C2 GOL J . 3.65 19.00 -7.64
O2 GOL J . 2.48 18.64 -8.36
C3 GOL J . 4.84 18.14 -8.14
O3 GOL J . 4.94 18.21 -9.56
C1 GOL K . 5.86 17.86 -20.09
O1 GOL K . 5.76 16.58 -20.68
C2 GOL K . 7.14 18.61 -20.42
O2 GOL K . 6.85 19.50 -21.49
C3 GOL K . 8.38 17.73 -20.64
O3 GOL K . 9.27 18.22 -21.66
MN MN L . -19.42 -22.77 6.69
CA CA M . -23.21 -21.05 6.97
C1 GOL N . -30.26 -27.92 11.04
O1 GOL N . -29.52 -27.66 12.24
C2 GOL N . -31.79 -27.97 11.11
O2 GOL N . -32.35 -26.74 10.76
C3 GOL N . -32.43 -28.92 10.11
O3 GOL N . -32.15 -28.52 8.78
C URE O . 4.05 -7.14 -2.93
O URE O . 3.23 -7.87 -2.42
N1 URE O . 5.35 -7.33 -2.67
N2 URE O . 3.68 -6.13 -3.76
#